data_6LYE
#
_entry.id   6LYE
#
_cell.length_a   104.230
_cell.length_b   104.230
_cell.length_c   83.120
_cell.angle_alpha   90.000
_cell.angle_beta   90.000
_cell.angle_gamma   120.000
#
_symmetry.space_group_name_H-M   'P 61'
#
loop_
_entity.id
_entity.type
_entity.pdbx_description
1 polymer 'Probable uracil-DNA glycosylase'
2 polymer 'Uracil-DNA glycosylase inhibitor'
#
loop_
_entity_poly.entity_id
_entity_poly.type
_entity_poly.pdbx_seq_one_letter_code
_entity_poly.pdbx_strand_id
1 'polypeptide(L)'
;NRIITEYILIDANNYHFKSWIECFPDCKVNLKLLLFRPEWFDFFKYVESKTYFPQLESKLSSYLEKRQRIVPYPELLFNT
MNVLPPGKIKVVILGQDPYPGSCISGVPYAMGCSFSVPLNCPVPKSLANIYTNLIKFNHMRKAPKHGCLASWILQGTFMI
NSAFTTVLNESGVHARTWESFTADLIDYLTDNYDDLIFVAWGAHAHKLCQRVDPKKHYIITSSHPSPFSVSNTMTSMSYG
PNPKKVTYPSFNSVDHFGKINEHLKSRNKKPIFWDL
;
A
2 'polypeptide(L)'
;TNLSDIIEKETGKQLVIQESILMLPEEVEEVIGNKPESDILVHTAYDESTDENVMLLTSDAPEYKPWALVIQDSNGENKI
KML
;
I
#
# COMPACT_ATOMS: atom_id res chain seq x y z
N GLU A 6 -11.92 -14.81 9.35
CA GLU A 6 -12.21 -14.35 10.70
C GLU A 6 -11.61 -12.96 10.93
N TYR A 7 -10.31 -12.83 10.66
CA TYR A 7 -9.62 -11.56 10.74
C TYR A 7 -9.26 -10.97 9.38
N ILE A 8 -9.36 -11.75 8.32
CA ILE A 8 -9.11 -11.27 6.96
C ILE A 8 -10.38 -11.25 6.13
N LEU A 9 -11.21 -12.28 6.22
CA LEU A 9 -12.58 -12.22 5.72
C LEU A 9 -13.36 -11.35 6.69
N ILE A 10 -13.31 -10.04 6.43
CA ILE A 10 -13.97 -9.04 7.23
C ILE A 10 -15.16 -8.49 6.44
N ASP A 11 -16.28 -8.31 7.12
CA ASP A 11 -17.43 -7.63 6.57
C ASP A 11 -17.64 -6.37 7.40
N ALA A 12 -17.59 -5.22 6.74
CA ALA A 12 -17.74 -3.96 7.46
C ALA A 12 -19.10 -3.86 8.14
N ASN A 13 -20.12 -4.53 7.58
CA ASN A 13 -21.43 -4.57 8.23
C ASN A 13 -21.40 -5.39 9.51
N ASN A 14 -20.35 -6.18 9.71
CA ASN A 14 -20.18 -7.01 10.90
C ASN A 14 -18.81 -6.71 11.49
N TYR A 15 -18.46 -5.43 11.56
CA TYR A 15 -17.13 -4.97 11.92
C TYR A 15 -17.16 -4.56 13.40
N HIS A 16 -16.65 -5.45 14.27
CA HIS A 16 -16.74 -5.26 15.73
C HIS A 16 -15.38 -5.56 16.34
N PHE A 17 -14.46 -4.60 16.22
CA PHE A 17 -13.10 -4.75 16.69
C PHE A 17 -12.77 -3.72 17.75
N LYS A 18 -11.92 -4.13 18.68
CA LYS A 18 -11.44 -3.22 19.72
C LYS A 18 -10.66 -2.07 19.11
N SER A 19 -10.86 -0.89 19.64
CA SER A 19 -10.07 0.26 19.23
C SER A 19 -8.68 0.19 19.85
N TRP A 20 -7.82 1.11 19.43
CA TRP A 20 -6.51 1.27 20.05
C TRP A 20 -6.63 1.43 21.56
N ILE A 21 -7.32 2.50 21.99
CA ILE A 21 -7.50 2.69 23.42
C ILE A 21 -8.32 1.55 24.02
N GLU A 22 -9.21 0.95 23.24
CA GLU A 22 -9.95 -0.20 23.73
C GLU A 22 -9.05 -1.41 23.88
N CYS A 23 -8.04 -1.53 23.02
CA CYS A 23 -7.06 -2.59 23.15
C CYS A 23 -5.82 -2.14 23.92
N PHE A 24 -5.70 -0.85 24.20
CA PHE A 24 -4.61 -0.32 25.03
C PHE A 24 -5.23 0.71 25.98
N PRO A 25 -5.88 0.24 27.04
CA PRO A 25 -6.51 1.20 27.97
C PRO A 25 -5.54 2.22 28.54
N ASP A 26 -4.35 1.79 28.96
CA ASP A 26 -3.28 2.73 29.21
C ASP A 26 -2.68 3.18 27.89
N CYS A 27 -2.19 4.43 27.89
CA CYS A 27 -1.56 4.97 26.68
C CYS A 27 -0.37 4.15 26.24
N LYS A 28 0.34 3.52 27.18
CA LYS A 28 1.46 2.66 26.80
C LYS A 28 1.00 1.57 25.84
N VAL A 29 1.68 1.49 24.71
CA VAL A 29 1.31 0.57 23.63
C VAL A 29 2.33 -0.57 23.61
N ASN A 30 1.84 -1.80 23.52
CA ASN A 30 2.66 -2.99 23.29
C ASN A 30 2.42 -3.53 21.89
N LEU A 31 3.42 -4.22 21.36
CA LEU A 31 3.30 -4.90 20.08
C LEU A 31 3.34 -6.42 20.22
N LYS A 32 3.90 -6.93 21.31
CA LYS A 32 3.86 -8.37 21.56
C LYS A 32 2.42 -8.88 21.50
N LEU A 33 1.47 -8.12 22.04
CA LEU A 33 0.08 -8.52 22.02
C LEU A 33 -0.43 -8.73 20.60
N LEU A 34 -0.19 -7.76 19.73
CA LEU A 34 -0.83 -7.74 18.43
C LEU A 34 -0.39 -8.91 17.55
N LEU A 35 0.82 -9.41 17.77
CA LEU A 35 1.36 -10.49 16.94
C LEU A 35 0.92 -11.83 17.51
N PHE A 36 0.14 -12.57 16.72
CA PHE A 36 -0.46 -13.83 17.14
C PHE A 36 0.34 -15.04 16.65
N ARG A 37 0.39 -15.23 15.33
CA ARG A 37 1.00 -16.40 14.72
C ARG A 37 2.43 -16.58 15.23
N PRO A 38 2.76 -17.71 15.86
CA PRO A 38 4.07 -17.82 16.52
C PRO A 38 5.26 -17.79 15.57
N GLU A 39 5.09 -18.19 14.31
CA GLU A 39 6.19 -18.33 13.35
C GLU A 39 6.87 -16.99 13.07
N TRP A 40 6.49 -15.94 13.80
CA TRP A 40 7.06 -14.62 13.64
C TRP A 40 7.97 -14.20 14.79
N PHE A 41 7.81 -14.83 15.96
CA PHE A 41 8.47 -14.36 17.17
C PHE A 41 9.98 -14.24 16.98
N ASP A 42 10.58 -15.19 16.25
CA ASP A 42 12.02 -15.18 16.01
C ASP A 42 12.46 -13.88 15.37
N PHE A 43 11.72 -13.41 14.37
CA PHE A 43 11.94 -12.05 13.87
C PHE A 43 11.54 -11.02 14.92
N PHE A 44 10.34 -11.17 15.49
CA PHE A 44 9.80 -10.17 16.42
C PHE A 44 10.71 -9.99 17.63
N LYS A 45 10.97 -11.07 18.35
CA LYS A 45 11.97 -11.04 19.41
C LYS A 45 13.24 -10.35 18.94
N TYR A 46 13.70 -10.72 17.73
CA TYR A 46 14.81 -10.03 17.08
C TYR A 46 14.68 -8.53 17.18
N VAL A 47 13.60 -7.97 16.65
CA VAL A 47 13.49 -6.52 16.58
C VAL A 47 13.31 -5.90 17.96
N GLU A 48 13.01 -6.70 18.98
CA GLU A 48 13.00 -6.16 20.33
C GLU A 48 14.41 -5.88 20.82
N SER A 49 15.38 -6.71 20.42
CA SER A 49 16.78 -6.42 20.71
C SER A 49 17.21 -5.09 20.12
N LYS A 50 16.56 -4.66 19.05
CA LYS A 50 16.87 -3.38 18.43
C LYS A 50 16.54 -2.21 19.36
N THR A 51 17.00 -1.03 18.97
CA THR A 51 16.85 0.18 19.77
C THR A 51 15.65 1.04 19.37
N TYR A 52 15.29 1.04 18.09
CA TYR A 52 14.14 1.82 17.65
C TYR A 52 12.83 1.30 18.21
N PHE A 53 12.82 0.07 18.75
CA PHE A 53 11.55 -0.60 19.06
C PHE A 53 10.84 0.04 20.25
N PRO A 54 11.49 0.29 21.38
CA PRO A 54 10.79 1.02 22.45
C PRO A 54 10.40 2.43 22.03
N GLN A 55 11.25 3.14 21.28
CA GLN A 55 10.89 4.44 20.77
C GLN A 55 9.69 4.35 19.82
N LEU A 56 9.53 3.22 19.13
CA LEU A 56 8.40 3.03 18.23
C LEU A 56 7.11 2.91 19.02
N GLU A 57 7.08 1.99 19.98
CA GLU A 57 5.92 1.89 20.85
C GLU A 57 5.69 3.21 21.59
N SER A 58 6.74 3.97 21.85
CA SER A 58 6.62 5.26 22.52
C SER A 58 5.95 6.28 21.62
N LYS A 59 6.36 6.33 20.35
CA LYS A 59 5.71 7.20 19.39
C LYS A 59 4.24 6.85 19.27
N LEU A 60 3.93 5.55 19.16
CA LEU A 60 2.54 5.12 19.03
C LEU A 60 1.72 5.55 20.24
N SER A 61 2.24 5.28 21.45
CA SER A 61 1.59 5.74 22.68
C SER A 61 1.36 7.25 22.62
N SER A 62 2.40 8.01 22.28
CA SER A 62 2.30 9.46 22.21
C SER A 62 1.22 9.89 21.23
N TYR A 63 0.99 9.10 20.18
CA TYR A 63 -0.12 9.40 19.29
C TYR A 63 -1.44 9.19 20.02
N LEU A 64 -1.57 8.08 20.76
CA LEU A 64 -2.77 7.88 21.54
C LEU A 64 -2.86 8.82 22.73
N GLU A 65 -1.75 9.43 23.17
CA GLU A 65 -1.78 10.43 24.22
C GLU A 65 -2.33 11.77 23.72
N LYS A 66 -2.51 11.92 22.41
CA LYS A 66 -2.60 13.24 21.78
C LYS A 66 -4.01 13.80 21.55
N ARG A 67 -5.02 13.02 21.10
CA ARG A 67 -5.12 11.57 21.10
C ARG A 67 -5.62 11.10 19.72
N GLN A 68 -4.72 10.60 18.88
CA GLN A 68 -4.98 10.44 17.46
C GLN A 68 -6.07 9.40 17.19
N ARG A 69 -6.69 9.48 16.02
CA ARG A 69 -7.57 8.43 15.50
C ARG A 69 -6.75 7.55 14.56
N ILE A 70 -5.92 6.69 15.14
CA ILE A 70 -5.02 5.86 14.36
C ILE A 70 -5.79 4.77 13.64
N VAL A 71 -5.41 4.51 12.39
CA VAL A 71 -5.86 3.34 11.65
C VAL A 71 -4.63 2.68 11.05
N PRO A 72 -4.65 1.35 10.80
CA PRO A 72 -5.73 0.41 11.11
C PRO A 72 -5.83 0.09 12.60
N TYR A 73 -7.01 -0.35 13.03
CA TYR A 73 -7.20 -0.70 14.43
C TYR A 73 -6.28 -1.87 14.80
N PRO A 74 -5.83 -1.93 16.05
CA PRO A 74 -4.71 -2.82 16.38
C PRO A 74 -4.95 -4.28 16.05
N GLU A 75 -6.14 -4.79 16.36
CA GLU A 75 -6.44 -6.20 16.14
C GLU A 75 -6.37 -6.59 14.67
N LEU A 76 -6.09 -5.60 13.79
CA LEU A 76 -5.76 -5.86 12.40
C LEU A 76 -4.36 -5.38 12.04
N LEU A 77 -3.68 -4.70 12.93
CA LEU A 77 -2.27 -4.42 12.71
C LEU A 77 -1.48 -5.71 12.81
N PHE A 78 -0.45 -5.84 11.97
CA PHE A 78 0.28 -7.11 11.81
C PHE A 78 -0.65 -8.22 11.35
N ASN A 79 -1.63 -7.91 10.51
CA ASN A 79 -2.60 -8.92 10.11
C ASN A 79 -1.97 -9.95 9.19
N THR A 80 -1.46 -9.51 8.04
CA THR A 80 -0.84 -10.42 7.09
C THR A 80 0.21 -11.28 7.77
N MET A 81 0.98 -10.68 8.68
CA MET A 81 1.91 -11.47 9.48
C MET A 81 1.18 -12.51 10.31
N ASN A 82 0.09 -12.11 10.97
CA ASN A 82 -0.65 -13.02 11.83
C ASN A 82 -1.38 -14.10 11.05
N VAL A 83 -1.43 -14.03 9.73
CA VAL A 83 -2.06 -15.10 8.95
C VAL A 83 -1.11 -15.74 7.94
N LEU A 84 0.02 -15.12 7.61
CA LEU A 84 1.07 -15.77 6.82
C LEU A 84 2.25 -16.09 7.71
N PRO A 85 2.50 -17.35 8.03
CA PRO A 85 3.80 -17.73 8.58
C PRO A 85 4.89 -17.51 7.56
N PRO A 86 6.04 -16.96 7.97
CA PRO A 86 7.07 -16.60 6.99
C PRO A 86 7.61 -17.79 6.21
N GLY A 87 7.13 -19.00 6.49
CA GLY A 87 7.56 -20.18 5.75
C GLY A 87 6.68 -20.50 4.57
N LYS A 88 5.36 -20.49 4.78
CA LYS A 88 4.40 -20.74 3.70
C LYS A 88 4.01 -19.48 2.96
N ILE A 89 5.01 -18.65 2.66
CA ILE A 89 4.88 -17.40 1.94
C ILE A 89 5.43 -17.59 0.54
N LYS A 90 4.93 -16.82 -0.42
CA LYS A 90 5.42 -16.94 -1.78
C LYS A 90 5.71 -15.59 -2.42
N VAL A 91 4.75 -14.68 -2.33
CA VAL A 91 4.84 -13.39 -3.00
C VAL A 91 4.82 -12.30 -1.94
N VAL A 92 5.68 -11.30 -2.12
CA VAL A 92 5.70 -10.14 -1.25
C VAL A 92 5.35 -8.93 -2.09
N ILE A 93 4.16 -8.38 -1.87
CA ILE A 93 3.73 -7.14 -2.51
C ILE A 93 3.70 -6.06 -1.43
N LEU A 94 4.23 -4.88 -1.76
CA LEU A 94 4.39 -3.82 -0.80
C LEU A 94 3.46 -2.66 -1.15
N GLY A 95 2.71 -2.21 -0.16
CA GLY A 95 1.97 -0.96 -0.25
C GLY A 95 2.78 0.14 0.41
N GLN A 96 2.66 1.35 -0.12
CA GLN A 96 3.33 2.49 0.50
C GLN A 96 2.67 2.86 1.82
N ASP A 97 1.47 3.43 1.74
CA ASP A 97 0.82 4.03 2.89
C ASP A 97 -0.62 3.55 2.94
N PRO A 98 -1.12 3.19 4.13
CA PRO A 98 -2.43 2.53 4.21
C PRO A 98 -3.55 3.46 3.77
N TYR A 99 -4.71 2.85 3.49
CA TYR A 99 -5.87 3.62 3.07
C TYR A 99 -6.26 4.60 4.18
N PRO A 100 -6.25 5.91 3.92
CA PRO A 100 -6.54 6.87 5.00
C PRO A 100 -8.01 7.09 5.26
N GLY A 101 -8.88 6.83 4.28
CA GLY A 101 -10.28 7.12 4.42
C GLY A 101 -11.00 6.15 5.35
N SER A 102 -12.31 6.22 5.31
CA SER A 102 -13.15 5.33 6.12
C SER A 102 -14.53 5.23 5.44
N CYS A 103 -15.57 5.03 6.25
CA CYS A 103 -16.94 4.99 5.77
C CYS A 103 -17.82 5.72 6.76
N ILE A 104 -18.98 6.19 6.29
CA ILE A 104 -19.93 6.86 7.17
C ILE A 104 -20.23 5.98 8.38
N SER A 105 -20.16 4.66 8.22
CA SER A 105 -20.28 3.75 9.35
C SER A 105 -19.15 3.90 10.34
N GLY A 106 -18.03 4.51 9.93
CA GLY A 106 -16.87 4.60 10.79
C GLY A 106 -15.84 3.53 10.57
N VAL A 107 -16.12 2.54 9.73
CA VAL A 107 -15.14 1.49 9.46
C VAL A 107 -14.01 2.07 8.61
N PRO A 108 -12.75 1.87 8.98
CA PRO A 108 -11.64 2.27 8.12
C PRO A 108 -11.51 1.34 6.93
N TYR A 109 -11.11 1.90 5.79
CA TYR A 109 -10.69 1.07 4.67
C TYR A 109 -9.54 0.14 5.07
N ALA A 110 -8.73 0.56 6.03
CA ALA A 110 -7.50 -0.13 6.38
C ALA A 110 -7.78 -1.41 7.14
N MET A 111 -7.52 -2.55 6.51
CA MET A 111 -7.62 -3.86 7.14
C MET A 111 -6.25 -4.45 7.45
N GLY A 112 -5.29 -3.58 7.81
CA GLY A 112 -3.97 -4.03 8.18
C GLY A 112 -3.18 -4.73 7.09
N CYS A 113 -3.53 -4.55 5.82
CA CYS A 113 -2.75 -5.07 4.71
C CYS A 113 -2.96 -4.18 3.50
N SER A 114 -2.08 -4.34 2.51
CA SER A 114 -2.07 -3.45 1.36
C SER A 114 -3.12 -3.84 0.33
N PHE A 115 -3.69 -2.81 -0.31
CA PHE A 115 -4.59 -2.92 -1.45
C PHE A 115 -5.88 -3.68 -1.14
N SER A 116 -6.09 -4.12 0.09
CA SER A 116 -7.25 -4.91 0.44
C SER A 116 -8.14 -4.11 1.38
N VAL A 117 -9.44 -4.21 1.15
CA VAL A 117 -10.44 -3.54 1.98
C VAL A 117 -11.47 -4.59 2.40
N PRO A 118 -12.13 -4.44 3.53
CA PRO A 118 -13.14 -5.43 3.93
C PRO A 118 -14.30 -5.50 2.95
N LEU A 119 -15.20 -6.44 3.19
CA LEU A 119 -16.33 -6.66 2.31
C LEU A 119 -17.37 -5.55 2.46
N ASN A 120 -18.24 -5.46 1.46
CA ASN A 120 -19.30 -4.43 1.41
C ASN A 120 -18.72 -3.03 1.56
N CYS A 121 -17.51 -2.84 1.07
CA CYS A 121 -16.76 -1.60 1.17
C CYS A 121 -16.33 -1.21 -0.24
N PRO A 122 -16.27 0.09 -0.55
CA PRO A 122 -15.93 0.50 -1.92
C PRO A 122 -14.55 0.00 -2.35
N VAL A 123 -14.42 -0.24 -3.64
CA VAL A 123 -13.18 -0.79 -4.23
C VAL A 123 -12.39 0.37 -4.78
N PRO A 124 -11.31 0.81 -4.15
CA PRO A 124 -10.50 1.90 -4.68
C PRO A 124 -9.95 1.57 -6.06
N LYS A 125 -9.52 2.60 -6.77
CA LYS A 125 -9.21 2.45 -8.18
C LYS A 125 -7.84 1.84 -8.43
N SER A 126 -6.94 1.84 -7.45
CA SER A 126 -5.75 1.00 -7.56
C SER A 126 -6.15 -0.46 -7.67
N LEU A 127 -6.94 -0.93 -6.70
CA LEU A 127 -7.40 -2.32 -6.72
C LEU A 127 -8.23 -2.60 -7.96
N ALA A 128 -9.02 -1.63 -8.40
CA ALA A 128 -9.81 -1.82 -9.62
C ALA A 128 -8.91 -1.94 -10.84
N ASN A 129 -7.85 -1.15 -10.90
CA ASN A 129 -6.91 -1.25 -12.00
C ASN A 129 -6.16 -2.58 -11.95
N ILE A 130 -6.00 -3.13 -10.75
CA ILE A 130 -5.46 -4.48 -10.61
C ILE A 130 -6.41 -5.49 -11.23
N TYR A 131 -7.69 -5.39 -10.90
CA TYR A 131 -8.68 -6.29 -11.49
C TYR A 131 -8.68 -6.15 -13.01
N THR A 132 -8.58 -4.92 -13.50
CA THR A 132 -8.50 -4.70 -14.93
C THR A 132 -7.37 -5.51 -15.53
N ASN A 133 -6.23 -5.55 -14.84
CA ASN A 133 -5.07 -6.30 -15.31
C ASN A 133 -5.36 -7.79 -15.33
N LEU A 134 -5.86 -8.31 -14.21
CA LEU A 134 -6.22 -9.73 -14.13
C LEU A 134 -7.13 -10.14 -15.27
N ILE A 135 -8.11 -9.31 -15.58
CA ILE A 135 -9.01 -9.60 -16.69
C ILE A 135 -8.25 -9.54 -18.01
N LYS A 136 -7.33 -8.58 -18.15
CA LYS A 136 -6.61 -8.41 -19.40
C LYS A 136 -5.75 -9.62 -19.74
N PHE A 137 -5.21 -10.29 -18.72
CA PHE A 137 -4.34 -11.43 -18.94
C PHE A 137 -4.98 -12.75 -18.54
N ASN A 138 -6.31 -12.86 -18.68
CA ASN A 138 -7.05 -14.11 -18.60
C ASN A 138 -7.00 -14.75 -17.22
N HIS A 139 -6.64 -14.00 -16.18
CA HIS A 139 -6.59 -14.55 -14.84
C HIS A 139 -7.90 -14.38 -14.09
N MET A 140 -8.92 -13.80 -14.73
CA MET A 140 -10.19 -13.50 -14.09
C MET A 140 -11.16 -13.03 -15.17
N ARG A 141 -12.42 -13.40 -15.00
CA ARG A 141 -13.45 -13.08 -15.98
C ARG A 141 -14.24 -11.84 -15.59
N LYS A 142 -14.78 -11.81 -14.36
CA LYS A 142 -15.58 -10.69 -13.88
C LYS A 142 -14.92 -10.10 -12.65
N ALA A 143 -14.55 -8.82 -12.74
CA ALA A 143 -13.99 -8.12 -11.61
C ALA A 143 -14.97 -8.17 -10.44
N PRO A 144 -14.54 -8.66 -9.28
CA PRO A 144 -15.47 -8.81 -8.14
C PRO A 144 -16.02 -7.47 -7.66
N LYS A 145 -17.12 -7.57 -6.92
CA LYS A 145 -17.79 -6.42 -6.31
C LYS A 145 -17.13 -5.96 -5.01
N HIS A 146 -16.01 -6.56 -4.63
CA HIS A 146 -15.44 -6.31 -3.31
C HIS A 146 -13.91 -6.27 -3.42
N GLY A 147 -13.28 -5.84 -2.33
CA GLY A 147 -11.83 -5.76 -2.27
C GLY A 147 -11.19 -6.49 -1.12
N CYS A 148 -11.82 -7.59 -0.70
CA CYS A 148 -11.26 -8.44 0.35
C CYS A 148 -10.29 -9.43 -0.28
N LEU A 149 -8.99 -9.17 -0.11
CA LEU A 149 -7.96 -10.01 -0.70
C LEU A 149 -7.45 -11.08 0.26
N ALA A 150 -8.37 -11.72 1.00
CA ALA A 150 -7.99 -12.81 1.89
C ALA A 150 -7.62 -14.06 1.11
N SER A 151 -8.36 -14.36 0.04
CA SER A 151 -8.08 -15.54 -0.77
C SER A 151 -6.71 -15.43 -1.45
N TRP A 152 -6.13 -14.23 -1.48
CA TRP A 152 -4.78 -14.10 -1.99
C TRP A 152 -3.76 -14.26 -0.88
N ILE A 153 -4.08 -13.72 0.30
CA ILE A 153 -3.15 -13.81 1.42
C ILE A 153 -2.96 -15.25 1.84
N LEU A 154 -4.07 -15.98 1.97
CA LEU A 154 -4.00 -17.39 2.35
C LEU A 154 -3.09 -18.18 1.43
N GLN A 155 -3.22 -17.99 0.12
CA GLN A 155 -2.43 -18.75 -0.83
C GLN A 155 -0.95 -18.36 -0.83
N GLY A 156 -0.54 -17.42 0.02
CA GLY A 156 0.84 -17.04 0.17
C GLY A 156 1.27 -15.70 -0.42
N THR A 157 0.35 -14.74 -0.59
CA THR A 157 0.69 -13.43 -1.13
C THR A 157 0.86 -12.46 0.05
N PHE A 158 2.09 -12.02 0.29
CA PHE A 158 2.42 -11.21 1.47
C PHE A 158 2.23 -9.74 1.11
N MET A 159 1.06 -9.21 1.44
CA MET A 159 0.68 -7.84 1.11
C MET A 159 0.74 -7.01 2.38
N ILE A 160 1.65 -6.04 2.41
CA ILE A 160 1.85 -5.18 3.57
C ILE A 160 2.10 -3.76 3.11
N ASN A 161 1.94 -2.84 4.05
CA ASN A 161 2.20 -1.42 3.83
C ASN A 161 3.57 -1.08 4.37
N SER A 162 4.35 -0.34 3.57
CA SER A 162 5.65 0.15 4.01
C SER A 162 5.53 1.13 5.18
N ALA A 163 4.31 1.45 5.60
CA ALA A 163 4.05 2.19 6.83
C ALA A 163 2.76 1.60 7.38
N PHE A 164 2.87 0.90 8.51
CA PHE A 164 1.74 0.11 8.99
C PHE A 164 0.60 0.95 9.56
N THR A 165 0.84 2.21 9.91
CA THR A 165 -0.21 3.05 10.48
C THR A 165 -0.19 4.43 9.85
N THR A 166 -1.39 5.02 9.74
CA THR A 166 -1.53 6.44 9.50
C THR A 166 -2.69 6.93 10.35
N VAL A 167 -2.78 8.24 10.53
CA VAL A 167 -3.89 8.82 11.26
C VAL A 167 -5.05 8.96 10.28
N LEU A 168 -6.26 8.65 10.76
CA LEU A 168 -7.44 8.65 9.91
C LEU A 168 -7.59 9.96 9.16
N ASN A 169 -7.93 9.87 7.88
CA ASN A 169 -8.16 10.99 6.96
C ASN A 169 -6.89 11.75 6.61
N GLU A 170 -5.78 11.49 7.30
CA GLU A 170 -4.49 12.08 6.96
C GLU A 170 -3.62 11.05 6.29
N SER A 171 -2.84 11.49 5.29
CA SER A 171 -2.11 10.59 4.41
C SER A 171 -0.61 10.75 4.60
N GLY A 172 0.09 9.62 4.62
CA GLY A 172 1.54 9.61 4.72
C GLY A 172 2.07 10.37 5.91
N VAL A 173 1.75 9.89 7.12
CA VAL A 173 2.13 10.60 8.33
C VAL A 173 3.17 9.83 9.14
N HIS A 174 3.23 8.50 9.01
CA HIS A 174 4.12 7.73 9.85
C HIS A 174 5.20 7.01 9.04
N ALA A 175 5.92 7.76 8.21
CA ALA A 175 7.02 7.17 7.43
C ALA A 175 8.24 6.92 8.31
N ARG A 176 8.92 8.00 8.71
CA ARG A 176 10.14 7.89 9.50
C ARG A 176 9.92 7.24 10.86
N THR A 177 8.72 6.74 11.12
CA THR A 177 8.48 5.93 12.30
C THR A 177 8.61 4.43 11.99
N TRP A 178 7.95 3.99 10.91
CA TRP A 178 7.91 2.59 10.52
C TRP A 178 9.02 2.18 9.55
N GLU A 179 9.85 3.13 9.11
CA GLU A 179 10.98 2.78 8.23
C GLU A 179 11.87 1.72 8.87
N SER A 180 12.30 1.97 10.10
CA SER A 180 13.24 1.06 10.74
C SER A 180 12.64 -0.31 10.97
N PHE A 181 11.32 -0.38 11.14
CA PHE A 181 10.67 -1.67 11.27
C PHE A 181 10.62 -2.40 9.93
N THR A 182 10.13 -1.72 8.90
CA THR A 182 9.90 -2.37 7.61
C THR A 182 11.20 -2.79 6.96
N ALA A 183 12.25 -1.99 7.10
CA ALA A 183 13.54 -2.35 6.53
C ALA A 183 14.07 -3.65 7.14
N ASP A 184 13.99 -3.77 8.46
CA ASP A 184 14.41 -5.01 9.11
C ASP A 184 13.53 -6.18 8.69
N LEU A 185 12.24 -5.93 8.51
CA LEU A 185 11.36 -7.01 8.06
C LEU A 185 11.82 -7.53 6.69
N ILE A 186 12.05 -6.61 5.76
CA ILE A 186 12.44 -7.00 4.39
C ILE A 186 13.79 -7.68 4.40
N ASP A 187 14.72 -7.19 5.23
CA ASP A 187 16.02 -7.82 5.32
C ASP A 187 15.91 -9.22 5.89
N TYR A 188 15.13 -9.41 6.95
CA TYR A 188 14.84 -10.73 7.48
C TYR A 188 14.35 -11.65 6.36
N LEU A 189 13.40 -11.18 5.57
CA LEU A 189 12.84 -12.02 4.50
C LEU A 189 13.90 -12.39 3.48
N THR A 190 14.59 -11.40 2.93
CA THR A 190 15.53 -11.70 1.84
C THR A 190 16.71 -12.52 2.32
N ASP A 191 17.17 -12.30 3.55
CA ASP A 191 18.33 -13.01 4.07
C ASP A 191 17.98 -14.44 4.48
N ASN A 192 17.05 -14.59 5.42
CA ASN A 192 16.80 -15.91 6.00
C ASN A 192 16.13 -16.85 5.00
N TYR A 193 15.11 -16.37 4.30
CA TYR A 193 14.27 -17.21 3.46
C TYR A 193 14.76 -17.12 2.01
N ASP A 194 14.14 -17.90 1.13
CA ASP A 194 14.73 -18.13 -0.18
C ASP A 194 13.64 -18.31 -1.24
N ASP A 195 14.02 -17.95 -2.47
CA ASP A 195 13.15 -17.94 -3.66
C ASP A 195 11.76 -17.40 -3.32
N LEU A 196 11.74 -16.19 -2.79
CA LEU A 196 10.52 -15.42 -2.74
C LEU A 196 10.34 -14.68 -4.07
N ILE A 197 9.16 -14.09 -4.25
CA ILE A 197 8.89 -13.21 -5.38
C ILE A 197 8.47 -11.86 -4.81
N PHE A 198 9.22 -10.82 -5.15
CA PHE A 198 8.90 -9.47 -4.72
C PHE A 198 8.37 -8.67 -5.89
N VAL A 199 7.37 -7.83 -5.61
CA VAL A 199 6.70 -7.06 -6.65
C VAL A 199 6.84 -5.59 -6.32
N ALA A 200 7.44 -4.81 -7.23
CA ALA A 200 7.72 -3.40 -7.04
C ALA A 200 6.74 -2.57 -7.85
N TRP A 201 5.73 -2.03 -7.16
CA TRP A 201 4.72 -1.15 -7.76
C TRP A 201 4.97 0.28 -7.30
N GLY A 202 5.51 1.10 -8.20
CA GLY A 202 5.86 2.47 -7.88
C GLY A 202 7.32 2.61 -7.49
N ALA A 203 7.69 3.85 -7.17
CA ALA A 203 9.08 4.16 -6.84
C ALA A 203 9.46 3.75 -5.43
N HIS A 204 8.54 3.86 -4.48
CA HIS A 204 8.88 3.60 -3.08
C HIS A 204 9.15 2.12 -2.86
N ALA A 205 8.26 1.26 -3.36
CA ALA A 205 8.48 -0.17 -3.26
C ALA A 205 9.75 -0.59 -4.01
N HIS A 206 10.09 0.12 -5.09
CA HIS A 206 11.35 -0.12 -5.77
C HIS A 206 12.53 0.18 -4.85
N LYS A 207 12.55 1.37 -4.26
CA LYS A 207 13.53 1.73 -3.24
C LYS A 207 13.66 0.64 -2.18
N LEU A 208 12.53 0.05 -1.78
CA LEU A 208 12.57 -1.01 -0.79
C LEU A 208 13.07 -2.33 -1.35
N CYS A 209 12.97 -2.52 -2.67
CA CYS A 209 13.43 -3.77 -3.29
C CYS A 209 14.89 -3.72 -3.71
N GLN A 210 15.57 -2.57 -3.54
CA GLN A 210 17.03 -2.56 -3.67
C GLN A 210 17.70 -3.36 -2.56
N ARG A 211 17.01 -3.51 -1.43
CA ARG A 211 17.50 -4.24 -0.26
C ARG A 211 17.44 -5.75 -0.44
N VAL A 212 17.12 -6.22 -1.64
CA VAL A 212 16.80 -7.62 -1.87
C VAL A 212 17.93 -8.24 -2.68
N ASP A 213 18.08 -9.56 -2.56
CA ASP A 213 19.19 -10.29 -3.14
C ASP A 213 18.77 -10.88 -4.49
N PRO A 214 19.11 -10.22 -5.61
CA PRO A 214 18.66 -10.70 -6.92
C PRO A 214 19.26 -12.04 -7.31
N LYS A 215 20.24 -12.54 -6.56
CA LYS A 215 20.74 -13.89 -6.79
C LYS A 215 19.74 -14.93 -6.29
N LYS A 216 18.97 -14.60 -5.26
CA LYS A 216 18.04 -15.52 -4.62
C LYS A 216 16.62 -15.41 -5.17
N HIS A 217 16.13 -14.18 -5.37
CA HIS A 217 14.70 -13.96 -5.52
C HIS A 217 14.40 -13.34 -6.88
N TYR A 218 13.13 -13.49 -7.27
CA TYR A 218 12.60 -12.96 -8.53
C TYR A 218 11.78 -11.72 -8.24
N ILE A 219 12.00 -10.65 -9.01
CA ILE A 219 11.42 -9.35 -8.74
C ILE A 219 10.71 -8.83 -9.99
N ILE A 220 9.38 -8.66 -9.88
CA ILE A 220 8.58 -7.99 -10.90
C ILE A 220 8.54 -6.50 -10.58
N THR A 221 8.64 -5.65 -11.60
CA THR A 221 8.75 -4.22 -11.35
C THR A 221 8.00 -3.44 -12.42
N SER A 222 7.22 -2.46 -12.00
CA SER A 222 6.46 -1.62 -12.91
C SER A 222 6.05 -0.35 -12.19
N SER A 223 5.19 0.44 -12.81
CA SER A 223 4.63 1.62 -12.20
C SER A 223 3.51 1.25 -11.23
N HIS A 224 2.94 2.23 -10.65
CA HIS A 224 1.99 2.00 -9.58
C HIS A 224 0.55 1.96 -10.11
N PRO A 225 -0.32 1.15 -9.47
CA PRO A 225 -1.69 1.02 -9.98
C PRO A 225 -2.60 2.20 -9.72
N SER A 226 -2.06 3.29 -9.18
CA SER A 226 -2.85 4.49 -9.03
C SER A 226 -3.21 5.03 -10.41
N PRO A 227 -4.39 5.63 -10.58
CA PRO A 227 -4.77 6.15 -11.90
C PRO A 227 -3.77 7.16 -12.44
N PHE A 228 -2.98 7.79 -11.57
CA PHE A 228 -1.94 8.73 -11.99
C PHE A 228 -0.83 8.06 -12.77
N SER A 229 -0.72 6.72 -12.70
CA SER A 229 0.48 6.03 -13.18
C SER A 229 0.26 4.70 -13.88
N VAL A 230 -0.94 4.11 -13.85
CA VAL A 230 -1.18 2.81 -14.48
C VAL A 230 -0.74 2.79 -15.93
N SER A 231 -0.65 3.96 -16.55
CA SER A 231 -0.32 4.07 -17.96
C SER A 231 1.03 4.72 -18.21
N ASN A 232 1.78 5.02 -17.16
CA ASN A 232 3.06 5.70 -17.26
C ASN A 232 4.20 4.74 -16.92
N THR A 233 5.27 4.80 -17.71
CA THR A 233 6.48 4.08 -17.34
C THR A 233 7.08 4.71 -16.08
N MET A 234 8.03 3.99 -15.49
CA MET A 234 8.74 4.46 -14.31
C MET A 234 10.23 4.35 -14.57
N THR A 235 10.92 5.47 -14.68
CA THR A 235 12.37 5.44 -14.83
C THR A 235 13.03 5.50 -13.46
N SER A 236 13.83 4.48 -13.14
CA SER A 236 14.62 4.47 -11.90
C SER A 236 15.96 3.80 -12.16
N MET A 237 16.51 3.10 -11.16
CA MET A 237 17.82 2.46 -11.26
C MET A 237 17.66 0.95 -11.46
N SER A 238 18.79 0.25 -11.50
CA SER A 238 18.81 -1.20 -11.59
C SER A 238 18.81 -1.82 -10.19
N TYR A 239 18.72 -3.14 -10.14
CA TYR A 239 18.72 -3.89 -8.90
C TYR A 239 20.12 -4.31 -8.46
N GLY A 240 20.97 -4.68 -9.42
CA GLY A 240 22.24 -5.28 -9.11
C GLY A 240 23.23 -4.29 -8.53
N PRO A 241 24.45 -4.76 -8.26
CA PRO A 241 25.47 -3.89 -7.68
C PRO A 241 25.96 -2.83 -8.64
N ASN A 242 25.95 -3.09 -9.95
CA ASN A 242 26.37 -2.11 -10.95
C ASN A 242 25.12 -1.49 -11.57
N PRO A 243 24.69 -0.32 -11.13
CA PRO A 243 23.41 0.22 -11.59
C PRO A 243 23.52 0.96 -12.90
N LYS A 244 22.44 0.86 -13.69
CA LYS A 244 22.25 1.67 -14.89
C LYS A 244 20.88 2.33 -14.81
N LYS A 245 20.75 3.46 -15.50
CA LYS A 245 19.45 4.15 -15.60
C LYS A 245 18.50 3.30 -16.42
N VAL A 246 17.44 2.79 -15.80
CA VAL A 246 16.58 1.78 -16.40
C VAL A 246 15.13 2.21 -16.25
N THR A 247 14.36 2.08 -17.34
CA THR A 247 12.93 2.40 -17.35
C THR A 247 12.13 1.10 -17.27
N TYR A 248 11.36 0.96 -16.24
CA TYR A 248 10.47 -0.14 -15.95
C TYR A 248 9.09 0.15 -16.54
N PRO A 249 8.41 -0.89 -17.01
CA PRO A 249 7.13 -0.69 -17.73
C PRO A 249 5.97 -0.24 -16.86
N SER A 250 4.82 0.00 -17.48
CA SER A 250 3.64 0.53 -16.81
C SER A 250 2.73 -0.60 -16.36
N PHE A 251 2.01 -0.35 -15.26
CA PHE A 251 1.25 -1.41 -14.61
C PHE A 251 0.37 -2.18 -15.59
N ASN A 252 -0.19 -1.49 -16.58
CA ASN A 252 -1.08 -2.12 -17.54
C ASN A 252 -0.34 -2.81 -18.69
N SER A 253 0.99 -2.78 -18.70
CA SER A 253 1.77 -3.43 -19.75
C SER A 253 2.51 -4.66 -19.23
N VAL A 254 2.25 -5.08 -18.00
CA VAL A 254 2.96 -6.18 -17.37
C VAL A 254 1.94 -7.19 -16.90
N ASP A 255 2.27 -8.47 -17.01
CA ASP A 255 1.41 -9.58 -16.59
C ASP A 255 1.69 -9.96 -15.14
N HIS A 256 1.91 -8.95 -14.31
CA HIS A 256 2.21 -9.06 -12.88
C HIS A 256 1.86 -10.40 -12.27
N PHE A 257 0.63 -10.84 -12.48
CA PHE A 257 0.13 -12.06 -11.85
C PHE A 257 0.38 -13.29 -12.71
N GLY A 258 0.59 -13.11 -14.02
CA GLY A 258 0.94 -14.21 -14.90
C GLY A 258 2.42 -14.54 -14.94
N LYS A 259 3.26 -13.75 -14.26
CA LYS A 259 4.66 -14.09 -14.07
C LYS A 259 4.89 -14.82 -12.76
N ILE A 260 4.13 -14.42 -11.74
CA ILE A 260 4.21 -15.06 -10.43
C ILE A 260 3.91 -16.55 -10.54
N ASN A 261 2.77 -16.89 -11.14
CA ASN A 261 2.36 -18.29 -11.23
C ASN A 261 3.34 -19.12 -12.05
N GLU A 262 3.80 -18.58 -13.18
CA GLU A 262 4.71 -19.36 -14.02
C GLU A 262 6.05 -19.55 -13.33
N HIS A 263 6.53 -18.56 -12.58
CA HIS A 263 7.77 -18.76 -11.82
C HIS A 263 7.58 -19.81 -10.73
N LEU A 264 6.48 -19.71 -9.97
CA LEU A 264 6.23 -20.69 -8.91
C LEU A 264 6.10 -22.09 -9.47
N LYS A 265 5.50 -22.23 -10.65
CA LYS A 265 5.44 -23.56 -11.28
C LYS A 265 6.82 -23.99 -11.75
N SER A 266 7.61 -23.07 -12.32
CA SER A 266 8.97 -23.36 -12.73
C SER A 266 9.89 -23.62 -11.55
N ARG A 267 9.41 -23.42 -10.32
CA ARG A 267 10.11 -23.88 -9.14
C ARG A 267 9.33 -24.97 -8.42
N ASN A 268 8.42 -25.64 -9.14
CA ASN A 268 7.54 -26.67 -8.59
C ASN A 268 6.89 -26.18 -7.29
N LYS A 269 6.06 -25.15 -7.42
CA LYS A 269 5.29 -24.64 -6.28
C LYS A 269 3.83 -24.48 -6.70
N LYS A 270 2.94 -25.04 -5.88
CA LYS A 270 1.50 -24.92 -6.02
C LYS A 270 1.12 -23.47 -6.33
N PRO A 271 0.65 -23.17 -7.55
CA PRO A 271 0.45 -21.77 -7.95
C PRO A 271 -0.63 -21.04 -7.15
N ILE A 272 -0.95 -19.82 -7.55
CA ILE A 272 -1.87 -18.96 -6.82
C ILE A 272 -3.11 -18.72 -7.68
N PHE A 273 -4.24 -19.31 -7.27
CA PHE A 273 -5.53 -19.05 -7.91
C PHE A 273 -5.99 -17.65 -7.52
N TRP A 274 -6.00 -16.73 -8.49
CA TRP A 274 -6.29 -15.32 -8.20
C TRP A 274 -7.78 -15.02 -8.23
N ASP A 275 -8.50 -15.55 -9.22
CA ASP A 275 -9.88 -15.16 -9.51
C ASP A 275 -10.78 -15.30 -8.28
N LEU A 276 -11.88 -14.55 -8.31
CA LEU A 276 -12.84 -14.52 -7.21
C LEU A 276 -14.27 -14.65 -7.74
N ASN B 2 -8.08 19.52 5.22
CA ASN B 2 -8.25 20.67 4.33
C ASN B 2 -8.28 20.23 2.88
N LEU B 3 -7.82 19.00 2.64
CA LEU B 3 -7.65 18.52 1.27
C LEU B 3 -8.99 18.34 0.57
N SER B 4 -10.00 17.83 1.28
CA SER B 4 -11.33 17.65 0.70
C SER B 4 -11.98 18.98 0.34
N ASP B 5 -11.49 20.09 0.87
CA ASP B 5 -12.11 21.40 0.70
C ASP B 5 -11.51 22.17 -0.46
N ILE B 6 -10.20 22.04 -0.66
CA ILE B 6 -9.54 22.63 -1.82
C ILE B 6 -10.23 22.16 -3.10
N ILE B 7 -10.48 20.86 -3.20
CA ILE B 7 -11.04 20.30 -4.42
C ILE B 7 -12.44 20.86 -4.67
N GLU B 8 -13.21 21.09 -3.60
CA GLU B 8 -14.53 21.68 -3.80
C GLU B 8 -14.42 23.13 -4.23
N LYS B 9 -13.61 23.93 -3.53
CA LYS B 9 -13.39 25.31 -3.95
C LYS B 9 -12.97 25.39 -5.41
N GLU B 10 -12.15 24.45 -5.86
CA GLU B 10 -11.55 24.53 -7.18
C GLU B 10 -12.43 23.91 -8.25
N THR B 11 -13.33 22.99 -7.88
CA THR B 11 -14.12 22.25 -8.83
C THR B 11 -15.59 22.11 -8.45
N GLY B 12 -15.98 22.50 -7.24
CA GLY B 12 -17.34 22.30 -6.78
C GLY B 12 -17.69 20.86 -6.46
N LYS B 13 -16.76 19.93 -6.64
CA LYS B 13 -17.02 18.52 -6.40
C LYS B 13 -16.80 18.21 -4.92
N GLN B 14 -17.85 17.72 -4.26
CA GLN B 14 -17.76 17.31 -2.87
C GLN B 14 -17.26 15.86 -2.85
N LEU B 15 -15.97 15.67 -2.57
CA LEU B 15 -15.36 14.36 -2.70
C LEU B 15 -14.37 14.12 -1.56
N VAL B 16 -14.06 12.84 -1.35
CA VAL B 16 -13.18 12.44 -0.26
C VAL B 16 -12.01 11.67 -0.86
N ILE B 17 -10.92 11.62 -0.12
CA ILE B 17 -9.68 10.99 -0.58
C ILE B 17 -9.77 9.49 -0.31
N GLN B 18 -9.75 8.69 -1.38
CA GLN B 18 -9.69 7.23 -1.22
C GLN B 18 -8.30 6.77 -0.81
N GLU B 19 -7.28 7.25 -1.53
CA GLU B 19 -5.91 6.79 -1.34
C GLU B 19 -4.96 7.92 -1.73
N SER B 20 -3.66 7.66 -1.56
CA SER B 20 -2.63 8.65 -1.86
C SER B 20 -1.30 7.93 -2.02
N ILE B 21 -0.42 8.51 -2.82
CA ILE B 21 0.94 7.98 -3.00
C ILE B 21 1.93 9.14 -3.08
N LEU B 22 3.03 9.01 -2.36
CA LEU B 22 4.12 9.97 -2.42
C LEU B 22 5.06 9.60 -3.57
N MET B 23 5.03 10.39 -4.64
CA MET B 23 5.88 10.19 -5.79
C MET B 23 6.99 11.25 -5.80
N LEU B 24 7.96 11.05 -6.70
CA LEU B 24 9.18 11.84 -6.72
C LEU B 24 9.13 12.90 -7.80
N PRO B 25 9.89 13.98 -7.63
CA PRO B 25 9.84 15.09 -8.60
C PRO B 25 10.01 14.69 -10.05
N GLU B 26 11.07 13.95 -10.39
CA GLU B 26 11.26 13.51 -11.77
C GLU B 26 10.11 12.64 -12.25
N GLU B 27 9.47 11.93 -11.33
CA GLU B 27 8.39 11.03 -11.70
C GLU B 27 7.10 11.77 -11.97
N VAL B 28 6.95 12.96 -11.39
CA VAL B 28 5.86 13.85 -11.71
C VAL B 28 6.12 14.63 -13.00
N GLU B 29 7.35 15.12 -13.17
CA GLU B 29 7.66 16.00 -14.30
C GLU B 29 7.30 15.39 -15.65
N GLU B 30 7.28 14.06 -15.72
CA GLU B 30 6.96 13.40 -16.98
C GLU B 30 5.46 13.43 -17.28
N VAL B 31 4.63 13.64 -16.27
CA VAL B 31 3.19 13.63 -16.43
C VAL B 31 2.61 15.05 -16.46
N ILE B 32 3.18 15.94 -15.65
CA ILE B 32 2.69 17.32 -15.58
C ILE B 32 3.44 18.24 -16.54
N GLY B 33 4.72 17.99 -16.78
CA GLY B 33 5.52 18.85 -17.63
C GLY B 33 6.36 19.84 -16.87
N ASN B 34 5.97 20.18 -15.64
CA ASN B 34 6.71 21.09 -14.78
C ASN B 34 7.19 20.33 -13.54
N LYS B 35 8.44 20.58 -13.14
CA LYS B 35 9.01 19.75 -12.08
C LYS B 35 8.79 20.39 -10.72
N PRO B 36 8.33 19.62 -9.73
CA PRO B 36 8.15 20.18 -8.38
C PRO B 36 9.47 20.36 -7.67
N GLU B 37 9.41 21.11 -6.57
CA GLU B 37 10.54 21.34 -5.70
C GLU B 37 10.47 20.49 -4.43
N SER B 38 9.88 19.31 -4.52
CA SER B 38 9.75 18.40 -3.39
C SER B 38 9.13 17.10 -3.89
N ASP B 39 9.09 16.12 -2.99
CA ASP B 39 8.19 14.99 -3.14
C ASP B 39 6.76 15.50 -3.32
N ILE B 40 5.92 14.69 -3.96
CA ILE B 40 4.54 15.08 -4.23
C ILE B 40 3.61 13.97 -3.77
N LEU B 41 2.82 14.24 -2.74
CA LEU B 41 1.70 13.38 -2.42
C LEU B 41 0.62 13.61 -3.45
N VAL B 42 0.20 12.53 -4.10
CA VAL B 42 -0.91 12.55 -5.04
C VAL B 42 -2.07 11.91 -4.32
N HIS B 43 -3.10 12.72 -4.05
CA HIS B 43 -4.29 12.29 -3.35
C HIS B 43 -5.36 11.98 -4.40
N THR B 44 -6.02 10.83 -4.27
CA THR B 44 -6.91 10.34 -5.30
C THR B 44 -8.35 10.29 -4.79
N ALA B 45 -9.28 10.66 -5.67
CA ALA B 45 -10.70 10.63 -5.42
C ALA B 45 -11.39 10.32 -6.74
N TYR B 46 -12.67 9.95 -6.66
CA TYR B 46 -13.42 9.50 -7.81
C TYR B 46 -14.78 10.15 -7.87
N ASP B 47 -15.23 10.50 -9.07
CA ASP B 47 -16.53 11.13 -9.28
C ASP B 47 -17.33 10.25 -10.23
N GLU B 48 -18.29 9.50 -9.68
CA GLU B 48 -19.14 8.65 -10.50
C GLU B 48 -20.21 9.43 -11.24
N SER B 49 -20.41 10.70 -10.90
CA SER B 49 -21.36 11.52 -11.65
C SER B 49 -20.82 11.85 -13.03
N THR B 50 -19.54 12.23 -13.11
CA THR B 50 -18.87 12.44 -14.38
C THR B 50 -17.94 11.29 -14.74
N ASP B 51 -17.90 10.23 -13.92
CA ASP B 51 -17.00 9.09 -14.08
C ASP B 51 -15.58 9.56 -14.44
N GLU B 52 -14.90 10.08 -13.42
CA GLU B 52 -13.56 10.59 -13.67
C GLU B 52 -12.77 10.69 -12.38
N ASN B 53 -11.47 10.54 -12.52
CA ASN B 53 -10.52 10.51 -11.41
C ASN B 53 -10.06 11.93 -11.12
N VAL B 54 -10.21 12.37 -9.87
CA VAL B 54 -9.69 13.67 -9.45
C VAL B 54 -8.48 13.39 -8.57
N MET B 55 -7.42 14.17 -8.73
CA MET B 55 -6.20 13.88 -7.98
C MET B 55 -5.38 15.12 -7.75
N LEU B 56 -5.19 15.42 -6.46
CA LEU B 56 -4.55 16.64 -5.98
C LEU B 56 -3.09 16.38 -5.65
N LEU B 57 -2.21 17.24 -6.14
CA LEU B 57 -0.78 17.09 -5.96
C LEU B 57 -0.33 18.13 -4.93
N THR B 58 0.03 17.66 -3.74
CA THR B 58 0.48 18.51 -2.64
C THR B 58 1.92 18.18 -2.27
N SER B 59 2.52 19.08 -1.49
CA SER B 59 3.79 18.78 -0.86
C SER B 59 3.61 17.60 0.09
N ASP B 60 4.73 17.08 0.59
CA ASP B 60 4.64 16.00 1.56
C ASP B 60 4.24 16.55 2.92
N ALA B 61 3.70 15.67 3.75
CA ALA B 61 3.33 15.96 5.14
C ALA B 61 4.49 16.59 5.88
N PRO B 62 4.24 17.31 6.98
CA PRO B 62 2.92 17.70 7.49
C PRO B 62 2.42 18.98 6.84
N GLU B 63 3.18 19.52 5.90
CA GLU B 63 2.83 20.82 5.33
C GLU B 63 1.63 20.73 4.40
N TYR B 64 1.61 19.71 3.53
CA TYR B 64 0.51 19.49 2.58
C TYR B 64 0.31 20.68 1.65
N LYS B 65 1.37 21.40 1.31
CA LYS B 65 1.22 22.58 0.47
C LYS B 65 0.77 22.19 -0.94
N PRO B 66 -0.37 22.70 -1.41
CA PRO B 66 -0.88 22.29 -2.72
C PRO B 66 0.07 22.68 -3.84
N TRP B 67 0.05 21.89 -4.90
CA TRP B 67 0.92 22.15 -6.04
C TRP B 67 0.18 22.08 -7.36
N ALA B 68 -0.77 21.15 -7.50
CA ALA B 68 -1.49 21.03 -8.78
C ALA B 68 -2.78 20.23 -8.58
N LEU B 69 -3.58 20.21 -9.64
CA LEU B 69 -4.84 19.48 -9.66
C LEU B 69 -4.99 18.84 -11.03
N VAL B 70 -5.17 17.53 -11.05
CA VAL B 70 -5.29 16.77 -12.30
C VAL B 70 -6.66 16.11 -12.30
N ILE B 71 -7.39 16.24 -13.41
CA ILE B 71 -8.73 15.67 -13.55
C ILE B 71 -8.73 14.83 -14.81
N GLN B 72 -8.99 13.53 -14.68
CA GLN B 72 -8.74 12.57 -15.75
C GLN B 72 -10.00 11.78 -16.05
N ASP B 73 -10.42 11.79 -17.32
CA ASP B 73 -11.70 11.20 -17.69
C ASP B 73 -11.57 9.68 -17.84
N SER B 74 -12.52 9.07 -18.53
CA SER B 74 -12.51 7.62 -18.71
C SER B 74 -11.38 7.19 -19.64
N ASN B 75 -11.28 7.83 -20.81
CA ASN B 75 -10.27 7.46 -21.80
C ASN B 75 -8.85 7.69 -21.30
N GLY B 76 -8.68 8.50 -20.26
CA GLY B 76 -7.40 8.63 -19.59
C GLY B 76 -6.61 9.88 -19.90
N GLU B 77 -7.14 10.80 -20.70
CA GLU B 77 -6.51 12.11 -20.83
C GLU B 77 -6.93 12.97 -19.64
N ASN B 78 -6.02 13.84 -19.21
CA ASN B 78 -6.20 14.53 -17.94
C ASN B 78 -5.88 16.01 -18.07
N LYS B 79 -6.84 16.83 -17.64
CA LYS B 79 -6.67 18.27 -17.55
C LYS B 79 -5.80 18.59 -16.35
N ILE B 80 -4.89 19.54 -16.54
CA ILE B 80 -3.91 19.92 -15.52
C ILE B 80 -4.13 21.38 -15.18
N LYS B 81 -4.40 21.67 -13.90
CA LYS B 81 -4.43 23.05 -13.41
C LYS B 81 -3.36 23.22 -12.35
N MET B 82 -2.45 24.16 -12.56
CA MET B 82 -1.48 24.45 -11.53
C MET B 82 -2.13 25.27 -10.41
N LEU B 83 -1.48 25.27 -9.25
CA LEU B 83 -2.00 25.98 -8.08
C LEU B 83 -0.92 26.75 -7.33
#